data_6MVJ
#
_entry.id   6MVJ
#
_cell.length_a   31.185
_cell.length_b   72.755
_cell.length_c   86.348
_cell.angle_alpha   90.00
_cell.angle_beta   90.00
_cell.angle_gamma   90.00
#
_symmetry.space_group_name_H-M   'P 21 21 21'
#
loop_
_entity.id
_entity.type
_entity.pdbx_description
1 polymer 'Endoglucanase V'
2 branched beta-D-glucopyranose-(1-4)-beta-D-glucopyranose
3 water water
#
_entity_poly.entity_id   1
_entity_poly.type   'polypeptide(L)'
_entity_poly.pdbx_seq_one_letter_code
;MRSSTILQTGLVAALPFAVQAASGSGQSTRYWDCCKPSCSWSGKAPVNRPVLACDANNNPLSDASVKSGCDGGSAYTCAN
NSPWAVNDQLSYGFAATKLSGGTESSWCCACYALTFTSGPVAGKTLVVQSTSTGGDLGSNHFDINMPGGGVGLFDGCKRQ
FGGLPGAQYGGISSRSQCDSFPAALKPGCQWRFDWFQNADNPNFTFKQVQCPSELTSRTGCKRNDDSQFPVFTPPSGGGS
NPSTPTTPPSSGGGSGCTADKYAQCGGSGWSGCTNCPSGSTCKTINDYYHQCA
;
_entity_poly.pdbx_strand_id   A
#
loop_
_chem_comp.id
_chem_comp.type
_chem_comp.name
_chem_comp.formula
BGC D-saccharide, beta linking beta-D-glucopyranose 'C6 H12 O6'
#
# COMPACT_ATOMS: atom_id res chain seq x y z
N ALA A 22 5.54 16.16 -5.20
CA ALA A 22 6.18 16.08 -3.88
C ALA A 22 7.45 15.23 -3.93
N SER A 23 8.46 15.63 -3.16
CA SER A 23 9.69 14.87 -3.01
C SER A 23 10.33 15.22 -1.68
N GLY A 24 11.28 14.39 -1.26
CA GLY A 24 11.90 14.61 0.03
C GLY A 24 12.38 13.30 0.64
N SER A 25 12.39 13.26 1.97
CA SER A 25 12.80 12.09 2.72
C SER A 25 11.68 11.69 3.67
N GLY A 26 11.68 10.42 4.08
CA GLY A 26 10.66 10.01 5.03
C GLY A 26 11.00 8.72 5.73
N GLN A 27 10.12 8.35 6.66
CA GLN A 27 10.18 7.11 7.40
C GLN A 27 9.12 6.15 6.89
N SER A 28 9.44 4.86 6.91
CA SER A 28 8.50 3.82 6.51
C SER A 28 8.07 2.98 7.71
N THR A 29 6.84 2.49 7.64
CA THR A 29 6.38 1.37 8.45
C THR A 29 5.76 0.36 7.49
N ARG A 30 5.22 -0.73 8.05
CA ARG A 30 4.55 -1.76 7.25
C ARG A 30 3.17 -2.03 7.84
N TYR A 31 2.22 -2.37 6.97
CA TYR A 31 0.88 -2.64 7.48
C TYR A 31 0.07 -3.45 6.47
N TRP A 32 -0.94 -4.12 7.02
CA TRP A 32 -2.05 -4.63 6.20
C TRP A 32 -3.22 -4.83 7.17
N ASP A 33 -4.22 -3.97 7.08
CA ASP A 33 -5.37 -4.05 7.98
C ASP A 33 -6.64 -4.52 7.29
N CYS A 34 -6.59 -4.77 5.98
CA CYS A 34 -7.72 -5.24 5.17
C CYS A 34 -8.82 -4.20 5.00
N CYS A 35 -8.71 -3.02 5.61
CA CYS A 35 -9.77 -2.01 5.51
C CYS A 35 -9.90 -1.48 4.09
N LYS A 36 -11.09 -1.02 3.75
CA LYS A 36 -11.27 -0.26 2.52
C LYS A 36 -10.29 0.92 2.51
N PRO A 37 -9.45 1.04 1.47
CA PRO A 37 -8.48 2.14 1.44
C PRO A 37 -9.19 3.49 1.38
N SER A 38 -8.59 4.51 2.00
CA SER A 38 -9.31 5.78 2.06
C SER A 38 -9.42 6.42 0.69
N CYS A 39 -8.50 6.11 -0.24
CA CYS A 39 -8.62 6.61 -1.61
C CYS A 39 -9.64 5.82 -2.45
N SER A 40 -10.35 4.86 -1.84
CA SER A 40 -11.44 4.16 -2.53
C SER A 40 -12.76 4.92 -2.43
N TRP A 41 -12.81 6.00 -1.67
CA TRP A 41 -14.03 6.82 -1.56
C TRP A 41 -14.08 7.85 -2.68
N SER A 42 -15.30 8.12 -3.17
CA SER A 42 -15.50 9.16 -4.16
C SER A 42 -15.23 10.54 -3.56
N GLY A 43 -14.81 11.46 -4.42
CA GLY A 43 -14.63 12.86 -4.04
C GLY A 43 -13.37 13.16 -3.23
N LYS A 44 -12.41 12.26 -3.18
CA LYS A 44 -11.22 12.48 -2.36
C LYS A 44 -10.08 13.15 -3.11
N ALA A 45 -10.05 13.00 -4.44
CA ALA A 45 -8.94 13.50 -5.23
C ALA A 45 -9.41 13.59 -6.68
N PRO A 46 -8.74 14.41 -7.50
CA PRO A 46 -9.13 14.49 -8.92
C PRO A 46 -8.58 13.30 -9.68
N VAL A 47 -9.43 12.30 -9.89
CA VAL A 47 -9.04 11.02 -10.47
C VAL A 47 -10.13 10.58 -11.44
N ASN A 48 -9.79 9.61 -12.29
CA ASN A 48 -10.80 9.02 -13.18
C ASN A 48 -11.85 8.27 -12.35
N ARG A 49 -11.41 7.48 -11.38
CA ARG A 49 -12.30 6.84 -10.42
C ARG A 49 -11.47 6.44 -9.21
N PRO A 50 -12.10 6.24 -8.06
CA PRO A 50 -11.33 5.91 -6.85
C PRO A 50 -10.75 4.50 -6.91
N VAL A 51 -9.83 4.25 -5.98
CA VAL A 51 -9.20 2.93 -5.89
C VAL A 51 -10.25 1.85 -5.72
N LEU A 52 -10.15 0.80 -6.51
CA LEU A 52 -11.07 -0.33 -6.37
C LEU A 52 -10.84 -1.03 -5.04
N ALA A 53 -11.87 -1.07 -4.19
CA ALA A 53 -11.89 -1.99 -3.07
C ALA A 53 -12.45 -3.33 -3.55
N CYS A 54 -12.45 -4.32 -2.67
CA CYS A 54 -12.86 -5.68 -3.02
C CYS A 54 -13.86 -6.21 -2.00
N ASP A 55 -14.64 -7.22 -2.40
CA ASP A 55 -15.38 -7.92 -1.39
C ASP A 55 -14.44 -8.83 -0.62
N ALA A 56 -14.99 -9.62 0.31
CA ALA A 56 -14.16 -10.45 1.16
C ALA A 56 -13.38 -11.50 0.38
N ASN A 57 -13.80 -11.80 -0.84
CA ASN A 57 -13.14 -12.81 -1.65
C ASN A 57 -12.36 -12.24 -2.82
N ASN A 58 -11.94 -10.96 -2.71
CA ASN A 58 -11.07 -10.30 -3.68
C ASN A 58 -11.76 -10.07 -5.02
N ASN A 59 -13.05 -9.96 -5.03
CA ASN A 59 -13.67 -9.50 -6.26
C ASN A 59 -13.79 -7.98 -6.23
N PRO A 60 -13.34 -7.28 -7.26
CA PRO A 60 -13.35 -5.81 -7.22
C PRO A 60 -14.77 -5.27 -7.17
N LEU A 61 -14.92 -4.17 -6.44
CA LEU A 61 -16.21 -3.50 -6.24
C LEU A 61 -16.21 -2.21 -7.05
N SER A 62 -16.91 -2.21 -8.19
CA SER A 62 -17.06 -0.96 -8.91
C SER A 62 -17.88 0.06 -8.12
N ASP A 63 -18.74 -0.39 -7.21
CA ASP A 63 -19.56 0.51 -6.40
C ASP A 63 -18.70 1.12 -5.29
N ALA A 64 -18.30 2.38 -5.46
CA ALA A 64 -17.48 3.04 -4.45
C ALA A 64 -18.24 3.38 -3.17
N SER A 65 -19.53 3.10 -3.09
CA SER A 65 -20.29 3.46 -1.90
C SER A 65 -20.37 2.33 -0.88
N VAL A 66 -19.82 1.14 -1.18
CA VAL A 66 -19.85 0.05 -0.21
C VAL A 66 -19.09 0.48 1.04
N LYS A 67 -19.65 0.15 2.21
CA LYS A 67 -19.03 0.59 3.45
C LYS A 67 -17.80 -0.26 3.78
N SER A 68 -16.82 0.36 4.42
CA SER A 68 -15.58 -0.34 4.77
C SER A 68 -15.87 -1.50 5.72
N GLY A 69 -15.21 -2.63 5.50
CA GLY A 69 -15.29 -3.72 6.45
C GLY A 69 -14.78 -3.37 7.84
N CYS A 70 -13.99 -2.30 7.95
CA CYS A 70 -13.55 -1.80 9.24
C CYS A 70 -14.58 -0.92 9.93
N ASP A 71 -15.72 -0.68 9.30
N ASP A 71 -15.72 -0.67 9.29
CA ASP A 71 -16.81 0.13 9.85
CA ASP A 71 -16.81 0.12 9.85
C ASP A 71 -18.13 -0.65 9.81
C ASP A 71 -18.13 -0.65 9.86
N GLY A 72 -18.05 -1.97 9.88
CA GLY A 72 -19.24 -2.80 9.82
C GLY A 72 -19.75 -3.09 8.42
N GLY A 73 -19.02 -2.71 7.39
CA GLY A 73 -19.43 -2.94 6.02
C GLY A 73 -18.79 -4.18 5.42
N SER A 74 -18.67 -4.19 4.10
CA SER A 74 -18.21 -5.39 3.41
C SER A 74 -17.16 -5.12 2.34
N ALA A 75 -16.53 -3.95 2.35
CA ALA A 75 -15.50 -3.60 1.37
C ALA A 75 -14.12 -3.64 2.04
N TYR A 76 -13.17 -4.28 1.36
CA TYR A 76 -11.86 -4.59 1.92
C TYR A 76 -10.76 -4.20 0.93
N THR A 77 -9.52 -4.23 1.40
CA THR A 77 -8.38 -4.04 0.50
C THR A 77 -8.24 -5.24 -0.44
N CYS A 78 -8.16 -4.97 -1.74
CA CYS A 78 -7.90 -6.05 -2.69
C CYS A 78 -6.52 -6.66 -2.46
N ALA A 79 -6.44 -7.99 -2.56
CA ALA A 79 -5.15 -8.65 -2.40
C ALA A 79 -4.14 -8.17 -3.42
N ASN A 80 -4.61 -7.72 -4.59
CA ASN A 80 -3.65 -7.26 -5.59
C ASN A 80 -3.02 -5.91 -5.22
N ASN A 81 -3.40 -5.30 -4.09
CA ASN A 81 -2.68 -4.13 -3.58
C ASN A 81 -1.43 -4.59 -2.83
N SER A 82 -0.80 -5.64 -3.32
CA SER A 82 0.38 -6.25 -2.71
C SER A 82 1.64 -5.88 -3.49
N PRO A 83 2.78 -5.79 -2.82
CA PRO A 83 4.04 -5.51 -3.52
C PRO A 83 4.59 -6.77 -4.18
N TRP A 84 5.43 -6.55 -5.19
CA TRP A 84 6.15 -7.64 -5.84
C TRP A 84 7.45 -7.10 -6.42
N ALA A 85 8.41 -8.02 -6.58
CA ALA A 85 9.71 -7.67 -7.16
C ALA A 85 9.70 -7.85 -8.68
N VAL A 86 10.32 -6.91 -9.38
CA VAL A 86 10.59 -7.02 -10.81
C VAL A 86 11.94 -7.67 -11.05
N ASN A 87 12.90 -7.32 -10.20
CA ASN A 87 14.25 -7.86 -10.23
C ASN A 87 14.86 -7.54 -8.86
N ASP A 88 16.14 -7.87 -8.71
CA ASP A 88 16.78 -7.69 -7.40
C ASP A 88 16.93 -6.23 -6.97
N GLN A 89 16.70 -5.27 -7.87
CA GLN A 89 16.85 -3.86 -7.52
C GLN A 89 15.53 -3.11 -7.42
N LEU A 90 14.44 -3.67 -7.92
CA LEU A 90 13.22 -2.88 -8.12
C LEU A 90 11.98 -3.67 -7.76
N SER A 91 11.10 -3.07 -6.97
CA SER A 91 9.77 -3.61 -6.71
C SER A 91 8.73 -2.55 -6.97
N TYR A 92 7.49 -3.02 -7.16
CA TYR A 92 6.31 -2.17 -7.28
C TYR A 92 5.36 -2.50 -6.14
N GLY A 93 4.62 -1.52 -5.67
CA GLY A 93 3.69 -1.81 -4.61
C GLY A 93 2.80 -0.63 -4.25
N PHE A 94 2.34 -0.59 -3.00
CA PHE A 94 1.32 0.35 -2.58
C PHE A 94 1.64 0.84 -1.17
N ALA A 95 1.09 2.00 -0.81
CA ALA A 95 1.36 2.56 0.51
C ALA A 95 0.25 3.50 0.93
N ALA A 96 0.16 3.72 2.24
CA ALA A 96 -0.62 4.81 2.81
C ALA A 96 0.35 5.94 3.13
N THR A 97 0.02 7.15 2.68
CA THR A 97 0.95 8.27 2.72
C THR A 97 0.40 9.40 3.59
N LYS A 98 1.31 10.12 4.23
CA LYS A 98 1.00 11.34 4.97
C LYS A 98 2.18 12.26 4.74
N LEU A 99 2.02 13.25 3.85
CA LEU A 99 3.13 14.01 3.32
C LEU A 99 3.09 15.46 3.78
N SER A 100 4.27 15.99 4.09
CA SER A 100 4.40 17.41 4.42
C SER A 100 3.84 18.27 3.29
N GLY A 101 2.94 19.17 3.64
CA GLY A 101 2.36 20.11 2.70
C GLY A 101 1.26 19.56 1.83
N GLY A 102 0.93 18.28 1.94
CA GLY A 102 -0.06 17.64 1.11
C GLY A 102 -1.36 17.40 1.85
N THR A 103 -2.33 16.90 1.09
CA THR A 103 -3.65 16.50 1.58
C THR A 103 -4.04 15.23 0.84
N GLU A 104 -5.12 14.59 1.28
CA GLU A 104 -5.63 13.44 0.53
C GLU A 104 -5.83 13.80 -0.94
N SER A 105 -6.27 15.03 -1.21
CA SER A 105 -6.52 15.41 -2.59
C SER A 105 -5.25 15.49 -3.41
N SER A 106 -4.08 15.64 -2.77
CA SER A 106 -2.83 15.71 -3.52
C SER A 106 -2.06 14.40 -3.58
N TRP A 107 -2.31 13.44 -2.68
CA TRP A 107 -1.58 12.17 -2.76
C TRP A 107 -2.42 10.97 -3.18
N CYS A 108 -3.74 10.98 -3.02
CA CYS A 108 -4.52 9.81 -3.39
C CYS A 108 -4.28 9.43 -4.84
N CYS A 109 -3.85 8.18 -5.08
CA CYS A 109 -3.57 7.59 -6.37
C CYS A 109 -2.32 8.14 -7.06
N ALA A 110 -1.55 9.01 -6.38
CA ALA A 110 -0.24 9.39 -6.90
C ALA A 110 0.76 8.26 -6.72
N CYS A 111 1.78 8.23 -7.58
CA CYS A 111 2.85 7.26 -7.44
C CYS A 111 4.15 7.95 -7.05
N TYR A 112 4.99 7.21 -6.33
CA TYR A 112 6.25 7.73 -5.81
C TYR A 112 7.30 6.64 -5.92
N ALA A 113 8.49 7.00 -6.41
CA ALA A 113 9.64 6.11 -6.40
C ALA A 113 10.38 6.31 -5.08
N LEU A 114 10.44 5.26 -4.28
CA LEU A 114 11.20 5.28 -3.03
C LEU A 114 12.57 4.67 -3.27
N THR A 115 13.61 5.34 -2.79
CA THR A 115 14.97 4.80 -2.75
C THR A 115 15.34 4.66 -1.28
N PHE A 116 15.53 3.43 -0.83
CA PHE A 116 15.78 3.21 0.58
C PHE A 116 17.19 3.67 0.94
N THR A 117 17.32 4.25 2.14
CA THR A 117 18.57 4.81 2.60
C THR A 117 19.11 4.13 3.84
N SER A 118 18.40 3.12 4.37
CA SER A 118 18.86 2.40 5.55
C SER A 118 18.34 0.97 5.49
N GLY A 119 18.78 0.16 6.44
CA GLY A 119 18.37 -1.23 6.48
C GLY A 119 19.02 -2.07 5.42
N PRO A 120 18.68 -3.36 5.39
CA PRO A 120 19.29 -4.25 4.40
C PRO A 120 18.89 -3.92 2.96
N VAL A 121 17.83 -3.13 2.77
CA VAL A 121 17.32 -2.80 1.44
C VAL A 121 17.90 -1.47 0.95
N ALA A 122 18.85 -0.91 1.69
CA ALA A 122 19.43 0.37 1.30
C ALA A 122 19.90 0.34 -0.14
N GLY A 123 19.50 1.35 -0.91
CA GLY A 123 19.84 1.44 -2.31
C GLY A 123 18.83 0.84 -3.27
N LYS A 124 17.94 -0.04 -2.79
CA LYS A 124 16.90 -0.60 -3.65
C LYS A 124 15.78 0.42 -3.87
N THR A 125 14.99 0.16 -4.91
CA THR A 125 13.93 1.04 -5.37
C THR A 125 12.58 0.34 -5.22
N LEU A 126 11.61 1.02 -4.61
CA LEU A 126 10.22 0.56 -4.57
C LEU A 126 9.34 1.69 -5.07
N VAL A 127 8.61 1.44 -6.15
CA VAL A 127 7.66 2.41 -6.69
C VAL A 127 6.28 2.04 -6.17
N VAL A 128 5.64 2.96 -5.48
CA VAL A 128 4.35 2.70 -4.85
C VAL A 128 3.29 3.63 -5.43
N GLN A 129 2.04 3.16 -5.40
CA GLN A 129 0.90 4.05 -5.55
C GLN A 129 0.28 4.28 -4.17
N SER A 130 -0.04 5.54 -3.86
CA SER A 130 -0.74 5.84 -2.61
C SER A 130 -2.20 5.46 -2.77
N THR A 131 -2.68 4.56 -1.93
CA THR A 131 -4.09 4.16 -1.94
C THR A 131 -4.83 4.60 -0.69
N SER A 132 -4.14 5.21 0.27
CA SER A 132 -4.77 5.55 1.54
C SER A 132 -3.92 6.58 2.24
N THR A 133 -4.44 7.10 3.35
CA THR A 133 -3.75 8.10 4.14
C THR A 133 -3.15 7.44 5.38
N GLY A 134 -1.86 7.69 5.61
CA GLY A 134 -1.19 7.15 6.77
C GLY A 134 -1.30 8.08 7.97
N GLY A 135 -0.63 7.70 9.04
CA GLY A 135 -0.55 8.56 10.21
C GLY A 135 0.64 9.50 10.17
N ASP A 136 0.60 10.50 11.04
CA ASP A 136 1.74 11.40 11.14
C ASP A 136 2.90 10.67 11.80
N LEU A 137 4.01 10.55 11.07
CA LEU A 137 5.20 9.91 11.60
C LEU A 137 6.37 10.51 10.85
N GLY A 138 7.09 11.42 11.52
CA GLY A 138 8.14 12.12 10.82
C GLY A 138 7.56 13.07 9.78
N SER A 139 8.42 13.44 8.84
CA SER A 139 8.06 14.47 7.86
C SER A 139 7.18 13.92 6.73
N ASN A 140 7.36 12.64 6.34
CA ASN A 140 6.68 12.10 5.15
C ASN A 140 6.55 10.59 5.34
N HIS A 141 5.49 10.19 6.03
CA HIS A 141 5.33 8.78 6.39
C HIS A 141 4.79 8.00 5.19
N PHE A 142 5.45 6.87 4.87
CA PHE A 142 4.88 5.88 3.95
C PHE A 142 4.65 4.59 4.76
N ASP A 143 3.39 4.21 4.91
CA ASP A 143 3.02 2.94 5.52
C ASP A 143 2.90 1.93 4.37
N ILE A 144 3.91 1.07 4.21
CA ILE A 144 4.00 0.25 3.01
C ILE A 144 3.14 -0.99 3.17
N ASN A 145 2.22 -1.21 2.21
CA ASN A 145 1.39 -2.41 2.16
C ASN A 145 2.24 -3.67 2.12
N MET A 146 1.99 -4.58 3.04
CA MET A 146 2.41 -5.96 2.84
C MET A 146 1.58 -6.86 3.76
N PRO A 147 0.88 -7.85 3.21
CA PRO A 147 0.08 -8.73 4.06
C PRO A 147 0.94 -9.32 5.16
N GLY A 148 0.45 -9.24 6.40
CA GLY A 148 1.20 -9.71 7.55
C GLY A 148 2.13 -8.69 8.14
N GLY A 149 2.08 -7.44 7.67
CA GLY A 149 2.87 -6.39 8.28
C GLY A 149 2.22 -5.74 9.48
N GLY A 150 0.97 -6.11 9.79
CA GLY A 150 0.32 -5.63 11.02
C GLY A 150 -0.96 -4.85 10.72
N VAL A 151 -2.04 -5.22 11.42
CA VAL A 151 -3.32 -4.54 11.24
C VAL A 151 -3.33 -3.17 11.90
N GLY A 152 -2.54 -2.99 12.97
CA GLY A 152 -2.57 -1.70 13.67
C GLY A 152 -3.90 -1.46 14.36
N LEU A 153 -4.47 -0.26 14.15
CA LEU A 153 -5.59 0.20 14.96
C LEU A 153 -6.91 -0.49 14.61
N PHE A 154 -7.08 -0.94 13.37
CA PHE A 154 -8.37 -1.46 12.92
C PHE A 154 -8.14 -2.85 12.33
N ASP A 155 -8.69 -3.88 12.97
CA ASP A 155 -8.47 -5.25 12.54
C ASP A 155 -9.57 -5.64 11.54
N GLY A 156 -9.44 -5.13 10.32
CA GLY A 156 -10.38 -5.50 9.28
C GLY A 156 -10.24 -6.95 8.86
N CYS A 157 -9.04 -7.51 8.96
CA CYS A 157 -8.83 -8.87 8.51
C CYS A 157 -9.62 -9.86 9.36
N LYS A 158 -9.84 -9.53 10.64
CA LYS A 158 -10.69 -10.37 11.48
C LYS A 158 -12.08 -10.52 10.88
N ARG A 159 -12.68 -9.41 10.43
CA ARG A 159 -13.99 -9.48 9.80
C ARG A 159 -13.93 -10.07 8.39
N GLN A 160 -12.86 -9.83 7.65
CA GLN A 160 -12.84 -10.29 6.26
C GLN A 160 -12.79 -11.81 6.17
N PHE A 161 -11.91 -12.43 6.96
CA PHE A 161 -11.76 -13.88 6.84
C PHE A 161 -11.31 -14.54 8.14
N GLY A 162 -11.58 -13.94 9.30
CA GLY A 162 -11.21 -14.56 10.55
C GLY A 162 -9.87 -14.14 11.11
N GLY A 163 -9.13 -13.29 10.41
CA GLY A 163 -7.93 -12.71 10.99
C GLY A 163 -6.66 -13.25 10.34
N LEU A 164 -5.61 -12.42 10.39
CA LEU A 164 -4.26 -12.86 10.06
C LEU A 164 -3.46 -13.10 11.33
N PRO A 165 -2.47 -14.01 11.30
CA PRO A 165 -1.53 -14.12 12.41
C PRO A 165 -0.67 -12.88 12.54
N GLY A 166 -0.05 -12.72 13.70
CA GLY A 166 1.01 -11.75 13.88
C GLY A 166 0.66 -10.69 14.93
N ALA A 167 1.71 -9.95 15.31
CA ALA A 167 1.53 -8.85 16.24
C ALA A 167 0.64 -7.76 15.64
N GLN A 168 -0.13 -7.10 16.51
CA GLN A 168 -0.95 -5.97 16.07
C GLN A 168 -0.12 -4.94 15.30
N TYR A 169 1.04 -4.56 15.85
CA TYR A 169 1.95 -3.67 15.16
C TYR A 169 3.15 -4.47 14.66
N GLY A 170 3.39 -4.42 13.34
CA GLY A 170 4.48 -5.14 12.74
C GLY A 170 4.13 -6.52 12.21
N GLY A 171 3.03 -7.11 12.68
CA GLY A 171 2.54 -8.34 12.06
C GLY A 171 3.41 -9.55 12.39
N ILE A 172 3.55 -10.45 11.42
CA ILE A 172 4.21 -11.72 11.70
C ILE A 172 5.71 -11.51 11.83
N SER A 173 6.40 -12.52 12.37
CA SER A 173 7.84 -12.43 12.59
C SER A 173 8.64 -13.52 11.90
N SER A 174 8.02 -14.63 11.47
CA SER A 174 8.71 -15.70 10.75
C SER A 174 8.07 -15.90 9.39
N ARG A 175 8.90 -16.24 8.40
CA ARG A 175 8.38 -16.41 7.05
C ARG A 175 7.36 -17.52 6.97
N SER A 176 7.51 -18.59 7.76
CA SER A 176 6.59 -19.72 7.73
C SER A 176 5.18 -19.33 8.13
N GLN A 177 5.01 -18.23 8.87
CA GLN A 177 3.66 -17.80 9.22
C GLN A 177 2.85 -17.38 8.00
N CYS A 178 3.50 -17.06 6.87
CA CYS A 178 2.75 -16.82 5.64
C CYS A 178 2.02 -18.07 5.15
N ASP A 179 2.45 -19.26 5.58
CA ASP A 179 1.90 -20.48 4.98
C ASP A 179 0.39 -20.64 5.21
N SER A 180 -0.16 -20.04 6.27
CA SER A 180 -1.58 -20.16 6.57
C SER A 180 -2.41 -18.99 6.06
N PHE A 181 -1.80 -18.03 5.35
CA PHE A 181 -2.53 -16.88 4.84
C PHE A 181 -3.50 -17.31 3.76
N PRO A 182 -4.56 -16.53 3.53
CA PRO A 182 -5.36 -16.71 2.32
C PRO A 182 -4.43 -16.73 1.11
N ALA A 183 -4.73 -17.62 0.16
CA ALA A 183 -3.86 -17.83 -0.99
C ALA A 183 -3.46 -16.52 -1.66
N ALA A 184 -4.41 -15.61 -1.86
CA ALA A 184 -4.10 -14.40 -2.63
C ALA A 184 -3.19 -13.45 -1.86
N LEU A 185 -3.08 -13.62 -0.54
CA LEU A 185 -2.24 -12.76 0.28
C LEU A 185 -0.85 -13.35 0.53
N LYS A 186 -0.60 -14.60 0.14
CA LYS A 186 0.71 -15.18 0.46
C LYS A 186 1.86 -14.56 -0.32
N PRO A 187 1.74 -14.30 -1.63
CA PRO A 187 2.89 -13.71 -2.33
C PRO A 187 3.35 -12.40 -1.71
N GLY A 188 2.41 -11.51 -1.37
CA GLY A 188 2.80 -10.27 -0.74
C GLY A 188 3.38 -10.49 0.65
N CYS A 189 2.86 -11.49 1.36
CA CYS A 189 3.42 -11.84 2.66
C CYS A 189 4.87 -12.27 2.53
N GLN A 190 5.17 -13.09 1.51
CA GLN A 190 6.54 -13.60 1.38
C GLN A 190 7.48 -12.55 0.80
N TRP A 191 6.97 -11.64 -0.02
CA TRP A 191 7.79 -10.54 -0.52
C TRP A 191 8.48 -9.81 0.63
N ARG A 192 7.77 -9.63 1.74
CA ARG A 192 8.33 -8.92 2.88
C ARG A 192 9.63 -9.57 3.35
N PHE A 193 9.68 -10.90 3.32
CA PHE A 193 10.85 -11.63 3.81
C PHE A 193 11.87 -11.89 2.72
N ASP A 194 11.47 -11.79 1.46
CA ASP A 194 12.33 -12.14 0.33
C ASP A 194 13.00 -10.89 -0.21
N TRP A 195 12.41 -10.26 -1.23
CA TRP A 195 13.01 -9.04 -1.77
C TRP A 195 13.22 -7.98 -0.70
N PHE A 196 12.25 -7.80 0.20
CA PHE A 196 12.32 -6.74 1.19
C PHE A 196 13.22 -7.10 2.37
N GLN A 197 13.70 -8.35 2.43
CA GLN A 197 14.71 -8.78 3.39
C GLN A 197 14.27 -8.56 4.83
N ASN A 198 12.96 -8.61 5.10
CA ASN A 198 12.43 -8.38 6.44
C ASN A 198 12.96 -7.09 7.04
N ALA A 199 13.11 -6.06 6.19
CA ALA A 199 13.66 -4.79 6.66
C ALA A 199 12.72 -4.15 7.67
N ASP A 200 13.29 -3.59 8.72
CA ASP A 200 12.48 -3.04 9.81
C ASP A 200 12.44 -1.52 9.64
N ASN A 201 11.34 -1.03 9.10
CA ASN A 201 11.10 0.40 8.96
C ASN A 201 12.27 1.15 8.33
N PRO A 202 12.72 0.75 7.15
CA PRO A 202 13.83 1.48 6.51
C PRO A 202 13.41 2.89 6.12
N ASN A 203 14.37 3.81 6.20
CA ASN A 203 14.21 5.17 5.70
C ASN A 203 14.36 5.21 4.19
N PHE A 204 13.95 6.33 3.59
CA PHE A 204 13.98 6.45 2.14
C PHE A 204 14.00 7.92 1.74
N THR A 205 14.42 8.16 0.51
CA THR A 205 14.05 9.37 -0.22
C THR A 205 12.97 9.01 -1.23
N PHE A 206 12.16 10.00 -1.61
CA PHE A 206 11.07 9.71 -2.52
C PHE A 206 10.91 10.85 -3.52
N LYS A 207 10.41 10.50 -4.70
CA LYS A 207 10.08 11.43 -5.77
C LYS A 207 8.74 11.01 -6.35
N GLN A 208 7.83 11.98 -6.52
CA GLN A 208 6.57 11.67 -7.19
C GLN A 208 6.82 11.47 -8.68
N VAL A 209 6.20 10.44 -9.25
CA VAL A 209 6.41 10.04 -10.64
C VAL A 209 5.06 9.66 -11.26
N GLN A 210 5.03 9.67 -12.59
CA GLN A 210 3.90 9.09 -13.31
C GLN A 210 3.72 7.63 -12.89
N CYS A 211 2.48 7.20 -12.71
CA CYS A 211 2.23 5.84 -12.25
C CYS A 211 2.55 4.83 -13.33
N PRO A 212 3.36 3.82 -13.05
CA PRO A 212 3.43 2.66 -13.95
C PRO A 212 2.06 2.05 -14.14
N SER A 213 1.77 1.61 -15.37
N SER A 213 1.78 1.59 -15.37
CA SER A 213 0.50 0.95 -15.62
CA SER A 213 0.51 0.94 -15.65
C SER A 213 0.33 -0.30 -14.77
C SER A 213 0.33 -0.31 -14.79
N GLU A 214 1.44 -0.91 -14.34
CA GLU A 214 1.34 -2.07 -13.45
C GLU A 214 0.54 -1.74 -12.20
N LEU A 215 0.65 -0.51 -11.70
CA LEU A 215 -0.07 -0.13 -10.49
C LEU A 215 -1.50 0.32 -10.78
N THR A 216 -1.70 1.20 -11.77
CA THR A 216 -3.05 1.66 -12.07
C THR A 216 -3.92 0.56 -12.66
N SER A 217 -3.33 -0.47 -13.26
CA SER A 217 -4.18 -1.57 -13.71
C SER A 217 -4.74 -2.38 -12.55
N ARG A 218 -4.09 -2.32 -11.38
CA ARG A 218 -4.61 -3.03 -10.22
C ARG A 218 -5.67 -2.21 -9.49
N THR A 219 -5.42 -0.92 -9.27
CA THR A 219 -6.33 -0.09 -8.51
C THR A 219 -7.41 0.56 -9.37
N GLY A 220 -7.17 0.73 -10.66
CA GLY A 220 -8.11 1.41 -11.52
C GLY A 220 -8.16 2.91 -11.33
N CYS A 221 -7.25 3.48 -10.53
CA CYS A 221 -7.31 4.87 -10.13
C CYS A 221 -6.08 5.61 -10.66
N LYS A 222 -6.30 6.59 -11.51
CA LYS A 222 -5.22 7.41 -12.05
C LYS A 222 -5.55 8.88 -11.85
N ARG A 223 -4.57 9.64 -11.36
CA ARG A 223 -4.78 11.05 -11.07
C ARG A 223 -4.83 11.85 -12.36
N ASN A 224 -5.69 12.87 -12.37
CA ASN A 224 -5.75 13.77 -13.52
C ASN A 224 -4.42 14.48 -13.73
N ASP A 225 -3.64 14.68 -12.66
CA ASP A 225 -2.34 15.36 -12.76
C ASP A 225 -1.17 14.39 -12.90
N ASP A 226 -1.43 13.13 -13.25
CA ASP A 226 -0.37 12.14 -13.30
C ASP A 226 0.77 12.59 -14.20
N SER A 227 0.45 13.16 -15.36
CA SER A 227 1.48 13.57 -16.32
C SER A 227 2.20 14.84 -15.92
N GLN A 228 1.85 15.46 -14.79
CA GLN A 228 2.63 16.59 -14.30
C GLN A 228 3.96 16.17 -13.70
N PHE A 229 4.22 14.88 -13.57
CA PHE A 229 5.39 14.39 -12.87
C PHE A 229 6.22 13.53 -13.80
N PRO A 230 7.49 13.28 -13.47
CA PRO A 230 8.38 12.62 -14.43
C PRO A 230 8.04 11.14 -14.61
N VAL A 231 8.40 10.63 -15.80
CA VAL A 231 8.30 9.21 -16.04
C VAL A 231 9.32 8.49 -15.17
N PHE A 232 8.90 7.36 -14.59
CA PHE A 232 9.83 6.52 -13.87
C PHE A 232 10.63 5.67 -14.84
N THR A 233 11.95 5.64 -14.66
CA THR A 233 12.81 4.75 -15.44
C THR A 233 13.41 3.68 -14.53
N PRO A 234 13.07 2.41 -14.73
CA PRO A 234 13.60 1.28 -13.94
C PRO A 234 15.13 1.26 -13.87
C2 BGC B . 6.44 0.61 15.15
C3 BGC B . 5.04 0.22 14.78
C4 BGC B . 4.94 -0.40 13.41
C5 BGC B . 5.96 -1.52 13.23
C6 BGC B . 5.99 -2.04 11.81
C1 BGC B . 7.37 -0.58 14.99
O1 BGC B . 8.66 -0.19 15.25
O2 BGC B . 6.53 1.05 16.51
O3 BGC B . 4.15 1.39 14.82
O4 BGC B . 3.65 -0.99 13.29
O5 BGC B . 7.31 -1.09 13.58
O6 BGC B . 6.25 -1.00 10.91
C2 BGC B . 1.62 -1.26 12.09
C3 BGC B . 0.69 -0.61 11.12
C4 BGC B . 0.47 0.85 11.42
C5 BGC B . 1.83 1.57 11.45
C6 BGC B . 1.69 3.02 11.76
C1 BGC B . 2.91 -0.48 12.25
O2 BGC B . 1.94 -2.59 11.61
O3 BGC B . -0.60 -1.29 11.13
O4 BGC B . -0.41 1.40 10.43
O5 BGC B . 2.64 0.97 12.54
O6 BGC B . 1.23 3.13 13.09
#